data_1SLC
#
_entry.id   1SLC
#
_cell.length_a   77.800
_cell.length_b   77.800
_cell.length_c   85.900
_cell.angle_alpha   90.00
_cell.angle_beta   90.00
_cell.angle_gamma   120.00
#
_symmetry.space_group_name_H-M   'P 31'
#
loop_
_entity.id
_entity.type
_entity.pdbx_description
1 polymer 'BOVINE GALECTIN-1'
2 branched beta-D-galactopyranose-(1-4)-2-acetamido-2-deoxy-beta-D-glucopyranose-(1-2)-alpha-D-mannopyranose-(1-3)-[beta-D-galactopyranose-(1-4)-2-acetamido-2-deoxy-beta-D-glucopyranose-(1-2)-alpha-D-mannopyranose-(1-6)]beta-D-mannopyranose-(1-4)-2-acetamido-2-deoxy-beta-D-glucopyranose
3 branched beta-D-galactopyranose-(1-4)-2-acetamido-2-deoxy-beta-D-glucopyranose-(1-2)-alpha-D-mannopyranose-(1-3)-[beta-D-galactopyranose-(1-4)-2-acetamido-2-deoxy-beta-D-glucopyranose-(1-2)-alpha-D-mannopyranose-(1-6)]beta-D-mannopyranose-(1-4)-2-acetamido-2-deoxy-alpha-D-glucopyranose
4 water water
#
_entity_poly.entity_id   1
_entity_poly.type   'polypeptide(L)'
_entity_poly.pdbx_seq_one_letter_code
;ACGLVASNLNLKPGECLRVRGEVAADAKSFLLNLGKDDNNLCLHFNPRFNAHGDVNTIVCNSKDAGAWGAEQRESAFPFQ
PGSVVEVCISFNQTDLTIKLPDGYEFKFPNRLNLEAINYLSAGGDFKIKCVAFE
;
_entity_poly.pdbx_strand_id   A,B,C,D
#
# COMPACT_ATOMS: atom_id res chain seq x y z
N ALA A 1 -29.50 -16.65 -0.80
CA ALA A 1 -30.07 -15.88 0.33
C ALA A 1 -29.93 -14.38 0.07
N CYS A 2 -28.69 -13.92 -0.09
CA CYS A 2 -28.43 -12.51 -0.36
C CYS A 2 -27.65 -12.31 -1.65
N GLY A 3 -26.91 -11.21 -1.71
CA GLY A 3 -26.13 -10.90 -2.90
C GLY A 3 -24.66 -11.25 -2.81
N LEU A 4 -23.86 -10.47 -3.52
CA LEU A 4 -22.41 -10.65 -3.60
C LEU A 4 -21.71 -10.91 -2.27
N VAL A 5 -20.73 -11.80 -2.29
CA VAL A 5 -19.94 -12.09 -1.11
C VAL A 5 -18.49 -12.05 -1.58
N ALA A 6 -17.70 -11.12 -1.05
CA ALA A 6 -16.30 -11.01 -1.42
C ALA A 6 -15.45 -11.17 -0.18
N SER A 7 -14.33 -11.86 -0.32
CA SER A 7 -13.40 -12.08 0.76
C SER A 7 -12.00 -11.83 0.22
N ASN A 8 -11.02 -11.88 1.12
CA ASN A 8 -9.62 -11.63 0.76
C ASN A 8 -9.35 -10.17 0.45
N LEU A 9 -10.33 -9.31 0.73
CA LEU A 9 -10.15 -7.88 0.52
C LEU A 9 -8.98 -7.55 1.44
N ASN A 10 -8.14 -6.61 1.05
CA ASN A 10 -7.02 -6.26 1.89
C ASN A 10 -7.16 -4.77 2.15
N LEU A 11 -8.32 -4.39 2.68
CA LEU A 11 -8.62 -3.01 2.97
C LEU A 11 -7.92 -2.53 4.22
N LYS A 12 -6.83 -1.82 4.02
CA LYS A 12 -6.02 -1.25 5.10
C LYS A 12 -6.55 0.16 5.36
N PRO A 13 -6.35 0.67 6.59
CA PRO A 13 -6.83 2.00 6.97
C PRO A 13 -6.44 3.07 5.95
N GLY A 14 -7.31 4.06 5.79
CA GLY A 14 -7.05 5.12 4.83
C GLY A 14 -7.71 4.83 3.51
N GLU A 15 -7.45 3.64 2.96
CA GLU A 15 -8.03 3.23 1.69
C GLU A 15 -9.54 3.42 1.73
N CYS A 16 -10.15 3.58 0.55
CA CYS A 16 -11.58 3.77 0.45
C CYS A 16 -12.25 2.62 -0.33
N LEU A 17 -13.43 2.21 0.12
CA LEU A 17 -14.18 1.16 -0.53
C LEU A 17 -15.43 1.84 -1.04
N ARG A 18 -15.58 1.87 -2.36
CA ARG A 18 -16.74 2.50 -3.00
C ARG A 18 -17.64 1.41 -3.55
N VAL A 19 -18.93 1.48 -3.24
CA VAL A 19 -19.88 0.48 -3.73
C VAL A 19 -21.06 1.18 -4.35
N ARG A 20 -21.32 0.88 -5.62
CA ARG A 20 -22.43 1.47 -6.35
C ARG A 20 -23.37 0.35 -6.71
N GLY A 21 -24.67 0.61 -6.64
CA GLY A 21 -25.65 -0.40 -6.97
C GLY A 21 -27.02 0.22 -7.11
N GLU A 22 -27.96 -0.50 -7.72
CA GLU A 22 -29.31 0.05 -7.86
C GLU A 22 -30.24 -0.60 -6.87
N VAL A 23 -31.09 0.20 -6.24
CA VAL A 23 -32.03 -0.32 -5.26
C VAL A 23 -33.38 -0.58 -5.94
N ALA A 24 -33.97 -1.72 -5.62
CA ALA A 24 -35.25 -2.14 -6.18
C ALA A 24 -36.31 -1.03 -6.18
N ALA A 25 -37.21 -1.08 -7.17
CA ALA A 25 -38.29 -0.10 -7.29
C ALA A 25 -39.20 -0.14 -6.06
N ASP A 26 -39.35 -1.32 -5.47
CA ASP A 26 -40.14 -1.48 -4.26
C ASP A 26 -39.22 -2.03 -3.16
N ALA A 27 -38.15 -1.30 -2.88
CA ALA A 27 -37.19 -1.74 -1.89
C ALA A 27 -37.70 -1.62 -0.45
N LYS A 28 -37.57 -2.70 0.31
CA LYS A 28 -37.95 -2.69 1.72
C LYS A 28 -36.71 -2.39 2.56
N SER A 29 -35.58 -2.99 2.18
CA SER A 29 -34.30 -2.76 2.85
C SER A 29 -33.14 -3.44 2.13
N PHE A 30 -31.93 -2.94 2.35
CA PHE A 30 -30.73 -3.52 1.75
C PHE A 30 -29.57 -3.37 2.74
N LEU A 31 -28.51 -4.16 2.58
CA LEU A 31 -27.41 -4.09 3.51
C LEU A 31 -26.06 -4.38 2.89
N LEU A 32 -25.02 -3.89 3.57
CA LEU A 32 -23.64 -4.10 3.19
C LEU A 32 -22.98 -4.48 4.49
N ASN A 33 -22.37 -5.66 4.53
CA ASN A 33 -21.67 -6.13 5.73
C ASN A 33 -20.16 -6.09 5.47
N LEU A 34 -19.42 -5.37 6.31
CA LEU A 34 -17.97 -5.29 6.19
C LEU A 34 -17.37 -5.90 7.47
N GLY A 35 -16.18 -6.50 7.35
CA GLY A 35 -15.54 -7.09 8.52
C GLY A 35 -14.45 -8.09 8.24
N LYS A 36 -14.14 -8.90 9.25
CA LYS A 36 -13.12 -9.94 9.20
C LYS A 36 -13.75 -11.13 8.48
N ASP A 37 -14.98 -11.44 8.89
CA ASP A 37 -15.78 -12.51 8.32
C ASP A 37 -17.22 -12.20 8.70
N ASP A 38 -18.15 -13.05 8.27
CA ASP A 38 -19.56 -12.87 8.52
C ASP A 38 -20.03 -12.80 9.98
N ASN A 39 -19.23 -13.37 10.89
CA ASN A 39 -19.56 -13.34 12.31
C ASN A 39 -18.84 -12.23 13.08
N ASN A 40 -17.86 -11.62 12.44
CA ASN A 40 -17.10 -10.52 13.07
C ASN A 40 -17.17 -9.34 12.09
N LEU A 41 -18.27 -8.61 12.20
CA LEU A 41 -18.55 -7.48 11.34
C LEU A 41 -18.24 -6.14 12.00
N CYS A 42 -17.40 -5.32 11.37
CA CYS A 42 -17.09 -4.03 11.93
C CYS A 42 -18.17 -3.07 11.47
N LEU A 43 -19.00 -3.50 10.55
CA LEU A 43 -20.06 -2.64 10.06
C LEU A 43 -21.14 -3.38 9.34
N HIS A 44 -22.34 -3.29 9.89
CA HIS A 44 -23.52 -3.87 9.28
C HIS A 44 -24.27 -2.58 8.97
N PHE A 45 -24.28 -2.22 7.69
CA PHE A 45 -24.93 -1.01 7.15
C PHE A 45 -26.31 -1.38 6.62
N ASN A 46 -27.36 -0.97 7.32
CA ASN A 46 -28.70 -1.36 6.93
C ASN A 46 -29.81 -0.31 6.76
N PRO A 47 -29.92 0.28 5.56
CA PRO A 47 -30.95 1.29 5.24
C PRO A 47 -32.29 0.58 5.16
N ARG A 48 -33.27 1.09 5.91
CA ARG A 48 -34.61 0.53 5.95
C ARG A 48 -35.64 1.52 5.45
N PHE A 49 -36.28 1.19 4.33
CA PHE A 49 -37.33 2.03 3.78
C PHE A 49 -38.59 1.75 4.60
N ASN A 50 -38.88 0.48 4.79
CA ASN A 50 -40.03 0.02 5.55
C ASN A 50 -39.75 -1.40 6.02
N ALA A 51 -39.02 -1.55 7.12
CA ALA A 51 -38.67 -2.87 7.65
C ALA A 51 -38.34 -2.86 9.14
N HIS A 52 -38.65 -3.97 9.81
CA HIS A 52 -38.39 -4.18 11.23
C HIS A 52 -38.85 -3.00 12.12
N GLY A 53 -39.96 -2.38 11.78
CA GLY A 53 -40.44 -1.26 12.59
C GLY A 53 -39.87 0.09 12.18
N ASP A 54 -38.78 0.08 11.42
CA ASP A 54 -38.16 1.33 10.94
C ASP A 54 -38.64 1.70 9.56
N VAL A 55 -38.86 3.00 9.37
CA VAL A 55 -39.31 3.54 8.11
C VAL A 55 -38.32 4.65 7.75
N ASN A 56 -37.76 4.58 6.54
CA ASN A 56 -36.78 5.57 6.08
C ASN A 56 -35.70 5.86 7.13
N THR A 57 -35.02 4.82 7.60
CA THR A 57 -33.96 4.99 8.59
C THR A 57 -32.81 4.03 8.38
N ILE A 58 -31.59 4.57 8.47
CA ILE A 58 -30.36 3.79 8.31
C ILE A 58 -29.98 3.22 9.64
N VAL A 59 -29.97 1.89 9.76
CA VAL A 59 -29.56 1.26 11.01
C VAL A 59 -28.19 0.63 10.84
N CYS A 60 -27.29 0.97 11.74
CA CYS A 60 -25.93 0.45 11.74
C CYS A 60 -25.72 -0.33 13.02
N ASN A 61 -24.91 -1.37 12.96
CA ASN A 61 -24.61 -2.18 14.12
C ASN A 61 -23.39 -3.00 13.80
N SER A 62 -22.77 -3.60 14.81
CA SER A 62 -21.59 -4.44 14.60
C SER A 62 -21.91 -5.86 15.09
N LYS A 63 -21.04 -6.80 14.76
CA LYS A 63 -21.22 -8.19 15.16
C LYS A 63 -19.84 -8.66 15.55
N ASP A 64 -19.72 -9.20 16.75
CA ASP A 64 -18.46 -9.66 17.31
C ASP A 64 -18.64 -11.09 17.81
N ALA A 65 -17.91 -12.03 17.22
CA ALA A 65 -18.03 -13.44 17.58
C ALA A 65 -19.48 -13.89 17.56
N GLY A 66 -20.24 -13.38 16.59
CA GLY A 66 -21.63 -13.76 16.44
C GLY A 66 -22.64 -12.96 17.24
N ALA A 67 -22.18 -12.14 18.19
CA ALA A 67 -23.12 -11.34 18.98
C ALA A 67 -23.28 -9.95 18.41
N TRP A 68 -24.53 -9.56 18.19
CA TRP A 68 -24.87 -8.23 17.67
C TRP A 68 -24.55 -7.17 18.71
N GLY A 69 -24.20 -5.97 18.27
CA GLY A 69 -23.89 -4.89 19.19
C GLY A 69 -25.09 -3.97 19.42
N ALA A 70 -24.82 -2.76 19.90
CA ALA A 70 -25.87 -1.78 20.14
C ALA A 70 -26.13 -1.03 18.84
N GLU A 71 -27.38 -0.96 18.43
CA GLU A 71 -27.73 -0.30 17.18
C GLU A 71 -27.53 1.18 17.21
N GLN A 72 -27.31 1.75 16.02
CA GLN A 72 -27.11 3.17 15.84
C GLN A 72 -27.96 3.56 14.65
N ARG A 73 -28.98 4.36 14.89
CA ARG A 73 -29.86 4.81 13.82
C ARG A 73 -29.50 6.18 13.28
N GLU A 74 -29.57 6.36 11.96
CA GLU A 74 -29.28 7.65 11.33
C GLU A 74 -30.54 8.29 10.71
N SER A 75 -30.63 9.60 10.83
CA SER A 75 -31.75 10.39 10.33
C SER A 75 -31.79 10.65 8.82
N ALA A 76 -30.69 11.13 8.27
CA ALA A 76 -30.60 11.41 6.84
C ALA A 76 -30.76 10.12 6.04
N PHE A 77 -31.64 10.13 5.05
CA PHE A 77 -31.91 8.94 4.25
C PHE A 77 -31.95 9.36 2.77
N PRO A 78 -30.78 9.54 2.15
CA PRO A 78 -30.70 9.94 0.74
C PRO A 78 -30.81 8.81 -0.27
N PHE A 79 -31.79 7.93 -0.09
CA PHE A 79 -31.97 6.81 -1.02
C PHE A 79 -33.41 6.74 -1.47
N GLN A 80 -33.64 6.92 -2.77
CA GLN A 80 -34.99 6.84 -3.32
C GLN A 80 -35.09 5.46 -3.96
N PRO A 81 -36.07 4.65 -3.56
CA PRO A 81 -36.18 3.33 -4.16
C PRO A 81 -36.23 3.43 -5.68
N GLY A 82 -35.65 2.44 -6.36
CA GLY A 82 -35.65 2.44 -7.80
C GLY A 82 -34.61 3.34 -8.43
N SER A 83 -33.55 3.67 -7.68
CA SER A 83 -32.49 4.51 -8.21
C SER A 83 -31.13 3.85 -8.03
N VAL A 84 -30.09 4.49 -8.55
CA VAL A 84 -28.74 3.97 -8.44
C VAL A 84 -27.99 4.81 -7.44
N VAL A 85 -27.50 4.18 -6.37
CA VAL A 85 -26.79 4.90 -5.33
C VAL A 85 -25.35 4.44 -5.16
N GLU A 86 -24.56 5.29 -4.52
CA GLU A 86 -23.15 5.03 -4.29
C GLU A 86 -22.79 5.34 -2.84
N VAL A 87 -22.21 4.36 -2.16
CA VAL A 87 -21.80 4.51 -0.77
C VAL A 87 -20.29 4.34 -0.73
N CYS A 88 -19.62 5.23 -0.02
CA CYS A 88 -18.16 5.20 0.07
C CYS A 88 -17.79 4.99 1.52
N ILE A 89 -16.91 4.03 1.77
CA ILE A 89 -16.52 3.67 3.13
C ILE A 89 -15.02 3.58 3.37
N SER A 90 -14.56 4.20 4.45
CA SER A 90 -13.16 4.15 4.82
C SER A 90 -13.08 3.98 6.33
N PHE A 91 -11.93 3.55 6.85
CA PHE A 91 -11.81 3.38 8.29
C PHE A 91 -10.40 3.65 8.80
N ASN A 92 -10.29 3.67 10.11
CA ASN A 92 -9.03 3.91 10.77
C ASN A 92 -9.12 3.24 12.14
N GLN A 93 -8.12 3.48 12.96
CA GLN A 93 -8.05 2.91 14.29
C GLN A 93 -9.34 3.13 15.09
N THR A 94 -9.75 4.40 15.18
CA THR A 94 -10.91 4.82 15.95
C THR A 94 -12.30 4.52 15.38
N ASP A 95 -12.50 4.77 14.08
CA ASP A 95 -13.83 4.55 13.50
C ASP A 95 -13.89 4.57 11.98
N LEU A 96 -15.07 4.26 11.44
CA LEU A 96 -15.29 4.25 9.99
C LEU A 96 -16.13 5.45 9.59
N THR A 97 -16.00 5.86 8.33
CA THR A 97 -16.73 6.99 7.81
C THR A 97 -17.55 6.57 6.61
N ILE A 98 -18.86 6.77 6.69
CA ILE A 98 -19.73 6.40 5.59
C ILE A 98 -20.19 7.67 4.89
N LYS A 99 -19.82 7.81 3.63
CA LYS A 99 -20.21 8.95 2.83
C LYS A 99 -21.41 8.50 2.02
N LEU A 100 -22.52 9.20 2.20
CA LEU A 100 -23.75 8.89 1.49
C LEU A 100 -23.93 10.00 0.46
N PRO A 101 -24.92 9.87 -0.43
CA PRO A 101 -25.12 10.93 -1.42
C PRO A 101 -25.67 12.23 -0.81
N ASP A 102 -25.63 13.31 -1.60
CA ASP A 102 -26.10 14.63 -1.19
C ASP A 102 -25.23 15.28 -0.14
N GLY A 103 -23.96 14.86 -0.08
CA GLY A 103 -23.02 15.44 0.87
C GLY A 103 -23.10 14.96 2.30
N TYR A 104 -24.00 14.02 2.58
CA TYR A 104 -24.12 13.50 3.93
C TYR A 104 -23.05 12.45 4.18
N GLU A 105 -22.62 12.37 5.43
CA GLU A 105 -21.63 11.37 5.83
C GLU A 105 -21.63 11.27 7.34
N PHE A 106 -21.49 10.06 7.87
CA PHE A 106 -21.46 9.89 9.31
C PHE A 106 -20.34 8.95 9.69
N LYS A 107 -20.12 8.80 10.98
CA LYS A 107 -19.06 7.94 11.47
C LYS A 107 -19.65 6.86 12.36
N PHE A 108 -18.96 5.74 12.44
CA PHE A 108 -19.37 4.62 13.26
C PHE A 108 -18.12 4.11 13.96
N PRO A 109 -18.18 3.90 15.28
CA PRO A 109 -17.00 3.41 15.99
C PRO A 109 -16.49 2.08 15.50
N ASN A 110 -15.17 1.90 15.56
CA ASN A 110 -14.56 0.64 15.16
C ASN A 110 -14.45 -0.11 16.49
N ARG A 111 -15.55 -0.74 16.88
CA ARG A 111 -15.65 -1.49 18.12
C ARG A 111 -14.76 -2.72 18.15
N LEU A 112 -14.44 -3.24 16.97
CA LEU A 112 -13.61 -4.44 16.83
C LEU A 112 -12.10 -4.13 16.80
N ASN A 113 -11.75 -2.89 16.53
CA ASN A 113 -10.35 -2.50 16.45
C ASN A 113 -9.67 -3.27 15.31
N LEU A 114 -10.38 -3.44 14.20
CA LEU A 114 -9.83 -4.15 13.04
C LEU A 114 -8.83 -3.25 12.33
N GLU A 115 -7.68 -3.82 11.99
CA GLU A 115 -6.61 -3.08 11.28
C GLU A 115 -6.73 -3.27 9.77
N ALA A 116 -7.67 -4.12 9.36
CA ALA A 116 -7.90 -4.41 7.95
C ALA A 116 -9.24 -5.09 7.78
N ILE A 117 -9.91 -4.80 6.67
CA ILE A 117 -11.20 -5.39 6.34
C ILE A 117 -10.97 -6.41 5.22
N ASN A 118 -11.29 -7.68 5.48
CA ASN A 118 -11.09 -8.72 4.46
C ASN A 118 -12.38 -9.32 3.95
N TYR A 119 -13.51 -8.85 4.46
CA TYR A 119 -14.79 -9.39 4.07
C TYR A 119 -15.84 -8.32 3.82
N LEU A 120 -16.74 -8.63 2.88
CA LEU A 120 -17.85 -7.75 2.47
C LEU A 120 -18.94 -8.62 1.84
N SER A 121 -20.20 -8.39 2.21
CA SER A 121 -21.33 -9.10 1.61
C SER A 121 -22.47 -8.11 1.42
N ALA A 122 -23.30 -8.34 0.42
CA ALA A 122 -24.42 -7.46 0.14
C ALA A 122 -25.70 -8.25 0.25
N GLY A 123 -26.79 -7.57 0.56
CA GLY A 123 -28.05 -8.27 0.69
C GLY A 123 -29.23 -7.35 0.57
N GLY A 124 -30.42 -7.94 0.56
CA GLY A 124 -31.62 -7.15 0.46
C GLY A 124 -31.94 -6.73 -0.96
N ASP A 125 -32.89 -5.81 -1.09
CA ASP A 125 -33.34 -5.30 -2.38
C ASP A 125 -32.33 -4.31 -2.94
N PHE A 126 -31.19 -4.85 -3.35
CA PHE A 126 -30.11 -4.04 -3.88
C PHE A 126 -29.35 -4.93 -4.87
N LYS A 127 -28.77 -4.32 -5.91
CA LYS A 127 -28.02 -5.06 -6.90
C LYS A 127 -26.71 -4.31 -7.15
N ILE A 128 -25.60 -4.96 -6.84
CA ILE A 128 -24.28 -4.34 -7.01
C ILE A 128 -23.93 -4.15 -8.48
N LYS A 129 -23.45 -2.97 -8.81
CA LYS A 129 -23.09 -2.64 -10.16
C LYS A 129 -21.60 -2.39 -10.25
N CYS A 130 -20.96 -2.03 -9.13
CA CYS A 130 -19.52 -1.77 -9.13
C CYS A 130 -18.96 -1.77 -7.71
N VAL A 131 -17.73 -2.26 -7.58
CA VAL A 131 -17.01 -2.30 -6.30
C VAL A 131 -15.63 -1.74 -6.65
N ALA A 132 -15.27 -0.63 -6.01
CA ALA A 132 -14.00 0.00 -6.31
C ALA A 132 -13.11 0.16 -5.09
N PHE A 133 -11.81 0.03 -5.30
CA PHE A 133 -10.83 0.17 -4.23
C PHE A 133 -10.00 1.40 -4.47
N GLU A 134 -10.10 2.35 -3.55
CA GLU A 134 -9.39 3.63 -3.65
C GLU A 134 -8.79 3.98 -2.29
N ALA B 1 -2.17 -19.58 -5.53
CA ALA B 1 -3.19 -18.83 -6.30
C ALA B 1 -4.16 -18.21 -5.31
N CYS B 2 -5.08 -17.39 -5.82
CA CYS B 2 -6.09 -16.70 -5.01
C CYS B 2 -5.67 -15.38 -4.36
N GLY B 3 -6.65 -14.51 -4.25
CA GLY B 3 -6.52 -13.19 -3.66
C GLY B 3 -7.98 -12.85 -3.53
N LEU B 4 -8.44 -11.71 -4.07
CA LEU B 4 -9.86 -11.40 -3.98
C LEU B 4 -10.62 -12.61 -4.50
N VAL B 5 -11.66 -12.99 -3.77
CA VAL B 5 -12.52 -14.12 -4.13
C VAL B 5 -13.93 -13.61 -3.96
N ALA B 6 -14.75 -13.78 -4.98
CA ALA B 6 -16.12 -13.32 -4.93
C ALA B 6 -17.05 -14.44 -5.31
N SER B 7 -18.02 -14.71 -4.45
CA SER B 7 -19.00 -15.75 -4.67
C SER B 7 -20.36 -15.10 -4.85
N ASN B 8 -21.34 -15.93 -5.18
CA ASN B 8 -22.72 -15.50 -5.36
C ASN B 8 -22.94 -14.42 -6.41
N LEU B 9 -22.03 -14.37 -7.38
CA LEU B 9 -22.09 -13.42 -8.48
C LEU B 9 -23.38 -13.50 -9.28
N ASN B 10 -23.81 -14.72 -9.59
CA ASN B 10 -25.00 -14.95 -10.40
C ASN B 10 -24.97 -14.17 -11.72
N LEU B 11 -23.83 -14.25 -12.42
CA LEU B 11 -23.65 -13.58 -13.69
C LEU B 11 -24.32 -14.46 -14.75
N LYS B 12 -25.06 -13.85 -15.65
CA LYS B 12 -25.77 -14.59 -16.69
C LYS B 12 -25.40 -14.10 -18.09
N PRO B 13 -25.66 -14.93 -19.12
CA PRO B 13 -25.36 -14.57 -20.51
C PRO B 13 -25.92 -13.21 -20.89
N GLY B 14 -25.07 -12.38 -21.50
CA GLY B 14 -25.49 -11.05 -21.89
C GLY B 14 -24.88 -10.00 -21.00
N GLU B 15 -24.75 -10.34 -19.71
CA GLU B 15 -24.17 -9.45 -18.72
C GLU B 15 -22.67 -9.58 -18.80
N CYS B 16 -21.95 -8.48 -18.66
CA CYS B 16 -20.50 -8.56 -18.73
C CYS B 16 -19.81 -8.21 -17.42
N LEU B 17 -18.69 -8.86 -17.18
CA LEU B 17 -17.90 -8.65 -15.99
C LEU B 17 -16.73 -7.79 -16.42
N ARG B 18 -16.44 -6.74 -15.68
CA ARG B 18 -15.34 -5.84 -16.01
C ARG B 18 -14.41 -5.72 -14.81
N VAL B 19 -13.11 -5.79 -15.06
CA VAL B 19 -12.09 -5.72 -14.01
C VAL B 19 -10.94 -4.80 -14.40
N ARG B 20 -10.60 -3.88 -13.51
CA ARG B 20 -9.49 -2.96 -13.75
C ARG B 20 -8.51 -3.11 -12.60
N GLY B 21 -7.22 -3.13 -12.92
CA GLY B 21 -6.21 -3.25 -11.90
C GLY B 21 -4.85 -2.83 -12.39
N GLU B 22 -3.87 -2.76 -11.48
CA GLU B 22 -2.54 -2.39 -11.89
C GLU B 22 -1.60 -3.56 -11.71
N VAL B 23 -0.79 -3.82 -12.73
CA VAL B 23 0.17 -4.93 -12.72
C VAL B 23 1.43 -4.52 -11.98
N ALA B 24 2.01 -5.46 -11.24
CA ALA B 24 3.23 -5.21 -10.48
C ALA B 24 4.45 -4.84 -11.34
N ALA B 25 5.37 -4.08 -10.75
CA ALA B 25 6.59 -3.64 -11.43
C ALA B 25 7.46 -4.76 -11.99
N ASP B 26 7.57 -5.85 -11.24
CA ASP B 26 8.37 -6.99 -11.70
C ASP B 26 7.47 -8.22 -11.79
N ALA B 27 6.22 -7.98 -12.16
CA ALA B 27 5.23 -9.03 -12.28
C ALA B 27 5.64 -10.18 -13.16
N LYS B 28 5.58 -11.38 -12.62
CA LYS B 28 5.92 -12.58 -13.36
C LYS B 28 4.64 -13.13 -14.02
N SER B 29 3.49 -12.80 -13.43
CA SER B 29 2.18 -13.22 -13.95
C SER B 29 1.03 -12.87 -13.02
N PHE B 30 -0.18 -12.90 -13.58
CA PHE B 30 -1.40 -12.65 -12.82
C PHE B 30 -2.51 -13.49 -13.44
N LEU B 31 -3.60 -13.69 -12.72
CA LEU B 31 -4.69 -14.51 -13.24
C LEU B 31 -6.05 -14.09 -12.75
N LEU B 32 -7.06 -14.49 -13.52
CA LEU B 32 -8.46 -14.24 -13.20
C LEU B 32 -9.12 -15.57 -13.48
N ASN B 33 -9.92 -16.05 -12.54
CA ASN B 33 -10.63 -17.32 -12.71
C ASN B 33 -12.12 -17.11 -12.54
N LEU B 34 -12.90 -17.56 -13.51
CA LEU B 34 -14.35 -17.45 -13.47
C LEU B 34 -14.89 -18.87 -13.56
N GLY B 35 -15.93 -19.16 -12.80
CA GLY B 35 -16.52 -20.50 -12.84
C GLY B 35 -17.72 -20.70 -11.93
N LYS B 36 -18.11 -21.96 -11.73
CA LYS B 36 -19.24 -22.25 -10.86
C LYS B 36 -18.69 -22.33 -9.43
N ASP B 37 -17.39 -22.59 -9.33
CA ASP B 37 -16.67 -22.69 -8.06
C ASP B 37 -15.18 -22.89 -8.33
N ASP B 38 -14.40 -23.01 -7.26
CA ASP B 38 -12.95 -23.20 -7.30
C ASP B 38 -12.41 -24.34 -8.18
N ASN B 39 -13.22 -25.38 -8.37
CA ASN B 39 -12.80 -26.53 -9.15
C ASN B 39 -13.41 -26.66 -10.53
N ASN B 40 -14.43 -25.86 -10.80
CA ASN B 40 -15.09 -25.87 -12.09
C ASN B 40 -15.04 -24.47 -12.65
N LEU B 41 -13.95 -24.19 -13.37
CA LEU B 41 -13.68 -22.90 -13.96
C LEU B 41 -13.97 -22.89 -15.45
N CYS B 42 -14.87 -22.01 -15.90
CA CYS B 42 -15.17 -21.94 -17.32
C CYS B 42 -14.11 -21.12 -18.03
N LEU B 43 -13.24 -20.48 -17.24
CA LEU B 43 -12.16 -19.69 -17.80
C LEU B 43 -11.09 -19.39 -16.76
N HIS B 44 -9.87 -19.83 -17.06
CA HIS B 44 -8.70 -19.55 -16.25
C HIS B 44 -7.94 -18.67 -17.22
N PHE B 45 -7.88 -17.38 -16.92
CA PHE B 45 -7.21 -16.36 -17.75
C PHE B 45 -5.90 -16.06 -17.07
N ASN B 46 -4.79 -16.38 -17.72
CA ASN B 46 -3.48 -16.18 -17.11
C ASN B 46 -2.37 -15.60 -17.98
N PRO B 47 -2.18 -14.26 -17.92
CA PRO B 47 -1.15 -13.52 -18.66
C PRO B 47 0.19 -13.75 -17.93
N ARG B 48 1.14 -14.39 -18.61
CA ARG B 48 2.42 -14.68 -17.98
C ARG B 48 3.57 -13.89 -18.58
N PHE B 49 4.18 -13.02 -17.78
CA PHE B 49 5.33 -12.23 -18.21
C PHE B 49 6.57 -13.14 -18.28
N ASN B 50 6.72 -13.98 -17.27
CA ASN B 50 7.83 -14.92 -17.15
C ASN B 50 7.49 -15.95 -16.09
N ALA B 51 6.88 -17.04 -16.54
CA ALA B 51 6.49 -18.11 -15.65
C ALA B 51 6.13 -19.34 -16.46
N HIS B 52 6.50 -20.51 -15.94
CA HIS B 52 6.20 -21.79 -16.59
C HIS B 52 6.77 -21.88 -18.01
N GLY B 53 7.98 -21.36 -18.18
CA GLY B 53 8.64 -21.39 -19.47
C GLY B 53 8.06 -20.45 -20.52
N ASP B 54 7.05 -19.68 -20.13
CA ASP B 54 6.41 -18.74 -21.05
C ASP B 54 6.87 -17.32 -20.77
N VAL B 55 7.06 -16.57 -21.85
CA VAL B 55 7.46 -15.17 -21.75
C VAL B 55 6.40 -14.38 -22.50
N ASN B 56 5.81 -13.41 -21.82
CA ASN B 56 4.78 -12.56 -22.41
C ASN B 56 3.75 -13.32 -23.25
N THR B 57 3.04 -14.24 -22.63
CA THR B 57 2.00 -15.00 -23.33
C THR B 57 0.77 -15.26 -22.45
N ILE B 58 -0.40 -14.98 -23.02
CA ILE B 58 -1.69 -15.20 -22.36
C ILE B 58 -2.08 -16.67 -22.52
N VAL B 59 -2.11 -17.42 -21.41
CA VAL B 59 -2.51 -18.81 -21.42
C VAL B 59 -3.91 -18.92 -20.82
N CYS B 60 -4.87 -19.37 -21.60
CA CYS B 60 -6.23 -19.56 -21.12
C CYS B 60 -6.46 -21.06 -21.04
N ASN B 61 -7.43 -21.48 -20.22
CA ASN B 61 -7.75 -22.89 -20.07
C ASN B 61 -9.01 -22.97 -19.22
N SER B 62 -9.55 -24.17 -19.08
CA SER B 62 -10.73 -24.41 -18.25
C SER B 62 -10.34 -25.45 -17.22
N LYS B 63 -11.23 -25.72 -16.28
CA LYS B 63 -10.97 -26.73 -15.26
C LYS B 63 -12.31 -27.39 -14.93
N ASP B 64 -12.39 -28.70 -15.12
CA ASP B 64 -13.62 -29.41 -14.83
C ASP B 64 -13.32 -30.42 -13.75
N ALA B 65 -13.98 -30.23 -12.61
CA ALA B 65 -13.81 -31.11 -11.46
C ALA B 65 -12.33 -31.18 -11.09
N GLY B 66 -11.62 -30.08 -11.29
CA GLY B 66 -10.20 -30.03 -10.94
C GLY B 66 -9.23 -30.44 -12.05
N ALA B 67 -9.76 -30.91 -13.17
CA ALA B 67 -8.91 -31.32 -14.29
C ALA B 67 -8.68 -30.16 -15.24
N TRP B 68 -7.43 -29.78 -15.44
CA TRP B 68 -7.14 -28.69 -16.37
C TRP B 68 -7.48 -29.17 -17.78
N GLY B 69 -8.05 -28.30 -18.59
CA GLY B 69 -8.42 -28.68 -19.94
C GLY B 69 -7.25 -28.50 -20.90
N ALA B 70 -7.55 -28.16 -22.15
CA ALA B 70 -6.50 -27.99 -23.13
C ALA B 70 -6.19 -26.52 -23.27
N GLU B 71 -4.94 -26.16 -23.00
CA GLU B 71 -4.53 -24.77 -23.08
C GLU B 71 -4.69 -24.15 -24.45
N GLN B 72 -5.10 -22.89 -24.44
CA GLN B 72 -5.24 -22.13 -25.66
C GLN B 72 -4.35 -20.92 -25.37
N ARG B 73 -3.47 -20.58 -26.30
CA ARG B 73 -2.56 -19.46 -26.11
C ARG B 73 -2.94 -18.33 -27.04
N GLU B 74 -2.67 -17.10 -26.62
CA GLU B 74 -3.00 -15.93 -27.41
C GLU B 74 -1.78 -15.15 -27.85
N SER B 75 -1.92 -14.52 -29.02
CA SER B 75 -0.85 -13.73 -29.63
C SER B 75 -0.55 -12.43 -28.88
N ALA B 76 -1.53 -11.52 -28.87
CA ALA B 76 -1.36 -10.24 -28.23
C ALA B 76 -1.04 -10.31 -26.75
N PHE B 77 -0.37 -9.29 -26.25
CA PHE B 77 -0.01 -9.19 -24.83
C PHE B 77 0.08 -7.72 -24.43
N PRO B 78 -1.04 -7.00 -24.51
CA PRO B 78 -1.12 -5.58 -24.16
C PRO B 78 -0.98 -5.30 -22.67
N PHE B 79 0.04 -5.88 -22.04
CA PHE B 79 0.29 -5.69 -20.60
C PHE B 79 1.71 -5.17 -20.44
N GLN B 80 1.88 -4.21 -19.53
CA GLN B 80 3.17 -3.60 -19.24
C GLN B 80 3.26 -3.44 -17.73
N PRO B 81 4.33 -3.94 -17.11
CA PRO B 81 4.56 -3.85 -15.66
C PRO B 81 4.48 -2.41 -15.14
N GLY B 82 3.60 -2.20 -14.16
CA GLY B 82 3.42 -0.88 -13.59
C GLY B 82 2.15 -0.21 -14.09
N SER B 83 1.71 -0.59 -15.29
CA SER B 83 0.52 0.00 -15.89
C SER B 83 -0.80 -0.64 -15.46
N VAL B 84 -1.87 0.16 -15.53
CA VAL B 84 -3.21 -0.26 -15.17
C VAL B 84 -3.89 -0.78 -16.42
N VAL B 85 -4.40 -2.01 -16.34
CA VAL B 85 -5.06 -2.61 -17.49
C VAL B 85 -6.48 -3.01 -17.15
N GLU B 86 -7.35 -2.91 -18.14
CA GLU B 86 -8.74 -3.27 -17.95
C GLU B 86 -9.13 -4.38 -18.92
N VAL B 87 -9.86 -5.38 -18.41
CA VAL B 87 -10.37 -6.47 -19.23
C VAL B 87 -11.87 -6.64 -18.96
N CYS B 88 -12.61 -7.01 -20.00
CA CYS B 88 -14.05 -7.20 -19.90
C CYS B 88 -14.37 -8.58 -20.44
N ILE B 89 -15.22 -9.31 -19.73
CA ILE B 89 -15.58 -10.67 -20.10
C ILE B 89 -17.09 -10.90 -20.18
N SER B 90 -17.57 -11.35 -21.33
CA SER B 90 -19.00 -11.62 -21.50
C SER B 90 -19.16 -13.08 -21.90
N PHE B 91 -20.32 -13.66 -21.64
CA PHE B 91 -20.51 -15.06 -22.03
C PHE B 91 -21.93 -15.47 -22.36
N ASN B 92 -22.02 -16.60 -23.04
CA ASN B 92 -23.29 -17.23 -23.42
C ASN B 92 -22.96 -18.72 -23.35
N GLN B 93 -23.90 -19.58 -23.72
CA GLN B 93 -23.68 -21.03 -23.64
C GLN B 93 -22.54 -21.55 -24.54
N THR B 94 -22.27 -20.84 -25.62
CA THR B 94 -21.24 -21.20 -26.58
C THR B 94 -19.83 -20.83 -26.12
N ASP B 95 -19.55 -19.54 -26.01
CA ASP B 95 -18.22 -19.11 -25.59
C ASP B 95 -18.14 -17.74 -24.92
N LEU B 96 -17.04 -17.53 -24.20
CA LEU B 96 -16.79 -16.29 -23.49
C LEU B 96 -15.96 -15.40 -24.41
N THR B 97 -16.20 -14.09 -24.36
CA THR B 97 -15.47 -13.14 -25.18
C THR B 97 -14.68 -12.23 -24.27
N ILE B 98 -13.36 -12.30 -24.39
CA ILE B 98 -12.46 -11.47 -23.60
C ILE B 98 -12.12 -10.27 -24.46
N LYS B 99 -12.65 -9.10 -24.07
CA LYS B 99 -12.40 -7.86 -24.78
C LYS B 99 -11.26 -7.14 -24.07
N LEU B 100 -10.12 -7.02 -24.76
CA LEU B 100 -8.95 -6.34 -24.22
C LEU B 100 -8.93 -4.90 -24.73
N PRO B 101 -7.96 -4.07 -24.29
CA PRO B 101 -7.81 -2.66 -24.66
C PRO B 101 -8.35 -2.03 -25.95
N ASP B 102 -7.49 -1.80 -26.94
CA ASP B 102 -7.92 -1.12 -28.16
C ASP B 102 -8.72 -1.85 -29.22
N GLY B 103 -9.87 -2.38 -28.81
CA GLY B 103 -10.71 -3.09 -29.75
C GLY B 103 -10.30 -4.51 -30.01
N TYR B 104 -9.23 -4.97 -29.37
CA TYR B 104 -8.77 -6.33 -29.55
C TYR B 104 -9.54 -7.24 -28.61
N GLU B 105 -9.97 -8.40 -29.12
CA GLU B 105 -10.72 -9.34 -28.31
C GLU B 105 -10.58 -10.73 -28.89
N PHE B 106 -10.72 -11.74 -28.04
CA PHE B 106 -10.64 -13.12 -28.49
C PHE B 106 -11.68 -13.96 -27.75
N LYS B 107 -11.98 -15.13 -28.30
CA LYS B 107 -12.98 -16.03 -27.72
C LYS B 107 -12.41 -17.32 -27.18
N PHE B 108 -13.04 -17.82 -26.12
CA PHE B 108 -12.65 -19.07 -25.48
C PHE B 108 -13.96 -19.81 -25.25
N PRO B 109 -14.04 -21.07 -25.71
CA PRO B 109 -15.25 -21.88 -25.56
C PRO B 109 -15.72 -22.09 -24.13
N ASN B 110 -17.04 -22.19 -23.98
CA ASN B 110 -17.67 -22.45 -22.70
C ASN B 110 -17.77 -23.96 -22.67
N ARG B 111 -16.63 -24.60 -22.45
CA ARG B 111 -16.52 -26.05 -22.42
C ARG B 111 -17.47 -26.75 -21.45
N LEU B 112 -17.59 -26.21 -20.25
CA LEU B 112 -18.45 -26.80 -19.22
C LEU B 112 -19.95 -26.55 -19.37
N ASN B 113 -20.32 -25.69 -20.31
CA ASN B 113 -21.72 -25.36 -20.56
C ASN B 113 -22.42 -24.73 -19.36
N LEU B 114 -21.73 -23.84 -18.66
CA LEU B 114 -22.32 -23.18 -17.51
C LEU B 114 -23.30 -22.12 -18.04
N GLU B 115 -24.43 -21.97 -17.37
CA GLU B 115 -25.43 -20.99 -17.76
C GLU B 115 -25.25 -19.72 -16.96
N ALA B 116 -24.64 -19.87 -15.78
CA ALA B 116 -24.38 -18.72 -14.91
C ALA B 116 -23.04 -18.89 -14.20
N ILE B 117 -22.41 -17.77 -13.88
CA ILE B 117 -21.13 -17.77 -13.19
C ILE B 117 -21.29 -17.20 -11.78
N ASN B 118 -20.95 -17.99 -10.75
CA ASN B 118 -21.09 -17.56 -9.36
C ASN B 118 -19.79 -17.34 -8.64
N TYR B 119 -18.69 -17.65 -9.29
CA TYR B 119 -17.40 -17.54 -8.67
C TYR B 119 -16.39 -16.80 -9.52
N LEU B 120 -15.69 -15.86 -8.86
CA LEU B 120 -14.64 -15.07 -9.47
C LEU B 120 -13.47 -15.12 -8.49
N SER B 121 -12.26 -15.20 -9.02
CA SER B 121 -11.07 -15.27 -8.21
C SER B 121 -9.97 -14.53 -8.96
N ALA B 122 -9.06 -13.91 -8.21
CA ALA B 122 -7.95 -13.19 -8.80
C ALA B 122 -6.68 -13.57 -8.06
N GLY B 123 -5.54 -13.48 -8.73
CA GLY B 123 -4.29 -13.81 -8.10
C GLY B 123 -3.12 -13.28 -8.89
N GLY B 124 -1.92 -13.56 -8.41
CA GLY B 124 -0.72 -13.11 -9.09
C GLY B 124 -0.37 -11.67 -8.78
N ASP B 125 0.58 -11.13 -9.53
CA ASP B 125 1.03 -9.76 -9.35
C ASP B 125 0.07 -8.78 -10.01
N PHE B 126 -1.13 -8.71 -9.47
CA PHE B 126 -2.18 -7.84 -10.00
C PHE B 126 -2.87 -7.16 -8.83
N LYS B 127 -3.17 -5.87 -8.98
CA LYS B 127 -3.87 -5.10 -7.95
C LYS B 127 -5.24 -4.76 -8.48
N ILE B 128 -6.30 -5.32 -7.90
CA ILE B 128 -7.65 -5.01 -8.35
C ILE B 128 -8.09 -3.65 -7.84
N LYS B 129 -8.43 -2.77 -8.78
CA LYS B 129 -8.88 -1.43 -8.45
C LYS B 129 -10.39 -1.34 -8.54
N CYS B 130 -10.99 -2.23 -9.34
CA CYS B 130 -12.43 -2.21 -9.54
C CYS B 130 -13.01 -3.43 -10.24
N VAL B 131 -14.26 -3.76 -9.90
CA VAL B 131 -14.99 -4.88 -10.51
C VAL B 131 -16.39 -4.32 -10.72
N ALA B 132 -16.86 -4.34 -11.96
CA ALA B 132 -18.16 -3.82 -12.30
C ALA B 132 -18.95 -4.90 -13.00
N PHE B 133 -20.27 -4.85 -12.82
CA PHE B 133 -21.18 -5.82 -13.41
C PHE B 133 -22.09 -5.06 -14.35
N GLU B 134 -22.00 -5.37 -15.64
CA GLU B 134 -22.79 -4.71 -16.65
C GLU B 134 -23.49 -5.77 -17.51
N CYS C 2 6.85 8.77 16.52
CA CYS C 2 5.56 8.84 15.77
C CYS C 2 5.85 8.48 14.33
N GLY C 3 6.54 9.37 13.62
CA GLY C 3 6.91 9.11 12.25
C GLY C 3 8.37 8.70 12.23
N LEU C 4 8.95 8.57 11.06
CA LEU C 4 10.35 8.18 10.93
C LEU C 4 11.31 9.17 11.60
N VAL C 5 12.40 8.64 12.15
CA VAL C 5 13.43 9.49 12.76
C VAL C 5 14.79 9.07 12.23
N ALA C 6 15.54 10.01 11.69
CA ALA C 6 16.84 9.72 11.14
C ALA C 6 17.85 10.74 11.65
N SER C 7 18.96 10.25 12.20
CA SER C 7 19.98 11.13 12.70
C SER C 7 21.32 10.73 12.13
N ASN C 8 22.33 11.51 12.49
CA ASN C 8 23.69 11.27 12.04
C ASN C 8 23.81 11.51 10.52
N LEU C 9 22.83 12.19 9.93
CA LEU C 9 22.91 12.49 8.51
C LEU C 9 23.75 13.75 8.42
N ASN C 10 24.88 13.65 7.75
CA ASN C 10 25.80 14.77 7.62
C ASN C 10 25.43 15.69 6.46
N LEU C 11 24.26 16.32 6.53
CA LEU C 11 23.82 17.20 5.46
C LEU C 11 24.54 18.53 5.56
N LYS C 12 25.34 18.82 4.54
CA LYS C 12 26.13 20.04 4.50
C LYS C 12 25.58 21.04 3.49
N PRO C 13 25.99 22.31 3.60
CA PRO C 13 25.53 23.37 2.68
C PRO C 13 25.70 22.99 1.22
N GLY C 14 24.69 23.28 0.42
CA GLY C 14 24.77 22.96 -0.99
C GLY C 14 24.17 21.61 -1.30
N GLU C 15 24.12 20.72 -0.32
CA GLU C 15 23.55 19.39 -0.55
C GLU C 15 22.03 19.55 -0.55
N CYS C 16 21.32 18.53 -1.00
CA CYS C 16 19.87 18.61 -1.08
C CYS C 16 19.17 17.43 -0.44
N LEU C 17 18.16 17.71 0.36
CA LEU C 17 17.39 16.66 1.00
C LEU C 17 16.03 16.56 0.32
N ARG C 18 15.84 15.49 -0.44
CA ARG C 18 14.60 15.28 -1.15
C ARG C 18 13.75 14.26 -0.40
N VAL C 19 12.55 14.67 0.01
CA VAL C 19 11.65 13.79 0.74
C VAL C 19 10.35 13.56 -0.03
N ARG C 20 9.99 12.30 -0.23
CA ARG C 20 8.76 11.97 -0.92
C ARG C 20 7.86 11.18 0.01
N GLY C 21 6.59 11.56 0.08
CA GLY C 21 5.71 10.84 0.97
C GLY C 21 4.26 10.81 0.54
N GLU C 22 3.46 10.10 1.32
CA GLU C 22 2.04 9.93 1.05
C GLU C 22 1.24 10.63 2.15
N VAL C 23 0.44 11.60 1.76
CA VAL C 23 -0.39 12.33 2.73
C VAL C 23 -1.76 11.66 2.74
N ALA C 24 -2.19 11.28 3.94
CA ALA C 24 -3.47 10.60 4.16
C ALA C 24 -4.64 11.25 3.42
N ALA C 25 -5.65 10.43 3.10
CA ALA C 25 -6.83 10.94 2.40
C ALA C 25 -7.66 11.83 3.33
N ASP C 26 -7.55 11.60 4.63
CA ASP C 26 -8.25 12.43 5.60
C ASP C 26 -7.38 13.69 5.69
N ALA C 27 -6.14 13.49 6.15
CA ALA C 27 -5.12 14.52 6.30
C ALA C 27 -5.50 15.83 6.96
N LYS C 28 -5.02 16.02 8.18
CA LYS C 28 -5.26 17.26 8.93
C LYS C 28 -3.98 18.10 8.91
N SER C 29 -2.83 17.43 9.08
CA SER C 29 -1.53 18.09 9.04
C SER C 29 -0.41 17.07 9.02
N PHE C 30 0.77 17.51 8.61
CA PHE C 30 1.94 16.65 8.60
C PHE C 30 3.16 17.55 8.82
N LEU C 31 4.23 17.00 9.39
CA LEU C 31 5.41 17.80 9.67
C LEU C 31 6.71 17.10 9.36
N LEU C 32 7.75 17.91 9.20
CA LEU C 32 9.10 17.42 8.95
C LEU C 32 10.01 18.37 9.69
N ASN C 33 10.73 17.85 10.67
CA ASN C 33 11.66 18.67 11.42
C ASN C 33 13.08 18.37 10.97
N LEU C 34 13.89 19.42 10.85
CA LEU C 34 15.29 19.29 10.48
C LEU C 34 16.12 20.10 11.49
N GLY C 35 17.31 19.62 11.79
CA GLY C 35 18.16 20.33 12.74
C GLY C 35 19.36 19.54 13.24
N LYS C 36 19.73 19.78 14.49
CA LYS C 36 20.85 19.11 15.15
C LYS C 36 20.27 17.97 15.98
N ASP C 37 19.11 18.24 16.56
CA ASP C 37 18.36 17.27 17.36
C ASP C 37 16.94 17.78 17.59
N ASP C 38 16.15 16.99 18.29
CA ASP C 38 14.75 17.29 18.58
C ASP C 38 14.45 18.62 19.28
N ASN C 39 15.42 19.14 20.03
CA ASN C 39 15.23 20.39 20.73
C ASN C 39 15.85 21.59 20.00
N ASN C 40 16.59 21.34 18.93
CA ASN C 40 17.23 22.40 18.15
C ASN C 40 16.95 22.16 16.68
N LEU C 41 15.83 22.71 16.22
CA LEU C 41 15.36 22.56 14.85
C LEU C 41 15.57 23.82 14.03
N CYS C 42 16.29 23.73 12.91
CA CYS C 42 16.46 24.92 12.10
C CYS C 42 15.24 25.05 11.21
N LEU C 43 14.42 24.00 11.17
CA LEU C 43 13.21 24.00 10.36
C LEU C 43 12.14 23.02 10.80
N HIS C 44 11.01 23.57 11.22
CA HIS C 44 9.84 22.80 11.57
C HIS C 44 8.93 23.15 10.38
N PHE C 45 8.79 22.22 9.43
CA PHE C 45 7.95 22.41 8.24
C PHE C 45 6.60 21.79 8.53
N ASN C 46 5.57 22.63 8.70
CA ASN C 46 4.25 22.13 9.07
C ASN C 46 2.98 22.48 8.28
N PRO C 47 2.71 21.76 7.17
CA PRO C 47 1.52 22.00 6.35
C PRO C 47 0.27 21.60 7.13
N ARG C 48 -0.67 22.53 7.26
CA ARG C 48 -1.90 22.27 8.00
C ARG C 48 -3.12 22.41 7.08
N PHE C 49 -3.80 21.29 6.85
CA PHE C 49 -5.01 21.29 6.04
C PHE C 49 -6.10 21.86 6.95
N ASN C 50 -6.15 21.34 8.18
CA ASN C 50 -7.10 21.82 9.17
C ASN C 50 -6.57 21.47 10.56
N ALA C 51 -5.71 22.34 11.08
CA ALA C 51 -5.14 22.13 12.40
C ALA C 51 -4.79 23.44 13.07
N HIS C 52 -4.82 23.42 14.40
CA HIS C 52 -4.48 24.57 15.24
C HIS C 52 -4.96 25.91 14.69
N GLY C 53 -6.23 25.99 14.30
CA GLY C 53 -6.75 27.24 13.77
C GLY C 53 -6.59 27.46 12.27
N ASP C 54 -5.44 27.09 11.70
CA ASP C 54 -5.16 27.27 10.28
C ASP C 54 -5.90 26.33 9.34
N VAL C 55 -6.12 26.80 8.12
CA VAL C 55 -6.76 26.00 7.09
C VAL C 55 -5.92 26.21 5.84
N ASN C 56 -5.47 25.12 5.24
CA ASN C 56 -4.64 25.18 4.05
C ASN C 56 -3.58 26.27 4.18
N THR C 57 -2.68 26.11 5.14
CA THR C 57 -1.62 27.08 5.37
C THR C 57 -0.38 26.33 5.82
N ILE C 58 0.78 26.76 5.35
CA ILE C 58 2.05 26.13 5.70
C ILE C 58 2.70 26.91 6.83
N VAL C 59 2.83 26.28 8.00
CA VAL C 59 3.47 26.96 9.12
C VAL C 59 4.91 26.49 9.29
N CYS C 60 5.83 27.45 9.36
CA CYS C 60 7.26 27.19 9.52
C CYS C 60 7.76 27.86 10.79
N ASN C 61 8.69 27.22 11.48
CA ASN C 61 9.23 27.80 12.70
C ASN C 61 10.51 27.10 13.07
N SER C 62 11.28 27.71 13.97
CA SER C 62 12.54 27.13 14.46
C SER C 62 12.36 26.81 15.94
N LYS C 63 13.34 26.13 16.53
CA LYS C 63 13.29 25.74 17.94
C LYS C 63 14.74 25.71 18.38
N ASP C 64 15.08 26.59 19.33
CA ASP C 64 16.44 26.75 19.82
C ASP C 64 16.46 26.37 21.31
N ALA C 65 17.15 25.29 21.64
CA ALA C 65 17.23 24.83 23.02
C ALA C 65 15.84 24.63 23.59
N GLY C 66 14.95 24.05 22.77
CA GLY C 66 13.59 23.79 23.19
C GLY C 66 12.59 24.93 23.14
N ALA C 67 13.10 26.14 22.89
CA ALA C 67 12.26 27.34 22.81
C ALA C 67 11.85 27.56 21.35
N TRP C 68 10.54 27.57 21.07
CA TRP C 68 10.02 27.79 19.72
C TRP C 68 10.33 29.22 19.27
N GLY C 69 10.42 29.42 17.97
CA GLY C 69 10.68 30.76 17.48
C GLY C 69 9.43 31.44 16.95
N ALA C 70 9.62 32.51 16.20
CA ALA C 70 8.50 33.24 15.64
C ALA C 70 8.04 32.55 14.36
N GLU C 71 6.77 32.18 14.29
CA GLU C 71 6.20 31.50 13.13
C GLU C 71 6.24 32.30 11.84
N GLN C 72 6.14 31.59 10.73
CA GLN C 72 6.14 32.16 9.38
C GLN C 72 5.15 31.31 8.59
N ARG C 73 4.09 31.92 8.07
CA ARG C 73 3.07 31.21 7.31
C ARG C 73 3.13 31.51 5.81
N GLU C 74 2.83 30.49 5.01
CA GLU C 74 2.85 30.62 3.55
C GLU C 74 1.44 30.45 2.97
N SER C 75 1.17 31.16 1.89
CA SER C 75 -0.12 31.11 1.22
C SER C 75 -0.19 29.94 0.24
N ALA C 76 0.88 29.74 -0.52
CA ALA C 76 0.90 28.66 -1.49
C ALA C 76 0.75 27.34 -0.76
N PHE C 77 -0.31 26.60 -1.07
CA PHE C 77 -0.53 25.31 -0.43
C PHE C 77 -0.74 24.24 -1.49
N PRO C 78 0.35 23.75 -2.08
CA PRO C 78 0.32 22.72 -3.13
C PRO C 78 0.17 21.30 -2.61
N PHE C 79 -0.77 21.08 -1.70
CA PHE C 79 -0.96 19.73 -1.14
C PHE C 79 -2.41 19.28 -1.09
N GLN C 80 -2.70 18.18 -1.76
CA GLN C 80 -4.04 17.61 -1.76
C GLN C 80 -3.99 16.38 -0.88
N PRO C 81 -5.02 16.14 -0.06
CA PRO C 81 -4.97 14.96 0.79
C PRO C 81 -5.09 13.73 -0.12
N GLY C 82 -4.49 12.62 0.31
CA GLY C 82 -4.56 11.40 -0.46
C GLY C 82 -3.71 11.37 -1.72
N SER C 83 -2.59 12.08 -1.71
CA SER C 83 -1.71 12.10 -2.87
C SER C 83 -0.27 11.97 -2.43
N VAL C 84 0.60 11.75 -3.41
CA VAL C 84 2.03 11.60 -3.17
C VAL C 84 2.69 12.94 -3.44
N VAL C 85 3.32 13.51 -2.41
CA VAL C 85 3.99 14.80 -2.56
C VAL C 85 5.49 14.66 -2.38
N GLU C 86 6.24 15.58 -2.96
CA GLU C 86 7.68 15.59 -2.86
C GLU C 86 8.08 16.99 -2.41
N VAL C 87 8.98 17.06 -1.44
CA VAL C 87 9.50 18.30 -0.88
C VAL C 87 11.02 18.20 -0.98
N CYS C 88 11.67 19.31 -1.29
CA CYS C 88 13.12 19.33 -1.45
C CYS C 88 13.74 20.50 -0.69
N ILE C 89 14.58 20.20 0.29
CA ILE C 89 15.19 21.22 1.12
C ILE C 89 16.72 21.32 0.96
N SER C 90 17.22 22.56 0.95
CA SER C 90 18.66 22.83 0.86
C SER C 90 18.96 24.03 1.76
N PHE C 91 20.20 24.16 2.24
CA PHE C 91 20.51 25.30 3.11
C PHE C 91 21.89 25.93 2.89
N ASN C 92 22.14 27.00 3.64
CA ASN C 92 23.41 27.71 3.62
C ASN C 92 23.45 28.58 4.87
N GLN C 93 24.49 29.38 5.01
CA GLN C 93 24.65 30.25 6.18
C GLN C 93 23.42 31.08 6.58
N THR C 94 22.79 31.75 5.62
CA THR C 94 21.65 32.58 5.94
C THR C 94 20.27 31.98 5.77
N ASP C 95 20.09 31.10 4.79
CA ASP C 95 18.76 30.56 4.55
C ASP C 95 18.65 29.09 4.21
N LEU C 96 17.41 28.61 4.29
CA LEU C 96 17.03 27.26 3.93
C LEU C 96 16.06 27.52 2.80
N THR C 97 16.06 26.65 1.80
CA THR C 97 15.18 26.79 0.64
C THR C 97 14.26 25.58 0.49
N ILE C 98 12.97 25.79 0.66
CA ILE C 98 11.97 24.73 0.53
C ILE C 98 11.34 24.81 -0.86
N LYS C 99 11.64 23.82 -1.68
CA LYS C 99 11.12 23.73 -3.04
C LYS C 99 9.87 22.87 -2.95
N LEU C 100 8.73 23.44 -3.35
CA LEU C 100 7.45 22.74 -3.29
C LEU C 100 7.03 22.10 -4.63
N PRO C 101 5.94 21.30 -4.64
CA PRO C 101 5.41 20.61 -5.81
C PRO C 101 5.37 21.29 -7.19
N ASP C 102 4.53 22.30 -7.38
CA ASP C 102 4.46 22.90 -8.71
C ASP C 102 5.07 24.28 -8.93
N GLY C 103 6.40 24.35 -8.82
CA GLY C 103 7.12 25.58 -9.03
C GLY C 103 7.27 26.52 -7.85
N TYR C 104 6.45 26.35 -6.82
CA TYR C 104 6.55 27.22 -5.66
C TYR C 104 7.74 26.84 -4.79
N GLU C 105 8.38 27.85 -4.23
CA GLU C 105 9.49 27.63 -3.32
C GLU C 105 9.64 28.90 -2.48
N PHE C 106 10.11 28.75 -1.25
CA PHE C 106 10.27 29.89 -0.37
C PHE C 106 11.44 29.67 0.57
N LYS C 107 11.96 30.75 1.13
CA LYS C 107 13.09 30.67 2.03
C LYS C 107 12.69 30.91 3.49
N PHE C 108 13.49 30.34 4.38
CA PHE C 108 13.29 30.45 5.81
C PHE C 108 14.68 30.75 6.37
N PRO C 109 14.81 31.80 7.20
CA PRO C 109 16.12 32.12 7.74
C PRO C 109 16.72 31.01 8.57
N ASN C 110 18.04 30.93 8.52
CA ASN C 110 18.80 29.94 9.28
C ASN C 110 19.10 30.65 10.58
N ARG C 111 18.11 30.67 11.46
CA ARG C 111 18.24 31.34 12.75
C ARG C 111 19.36 30.75 13.57
N LEU C 112 19.36 29.44 13.73
CA LEU C 112 20.37 28.75 14.52
C LEU C 112 21.79 28.91 13.96
N ASN C 113 21.89 29.18 12.66
CA ASN C 113 23.18 29.36 12.00
C ASN C 113 24.03 28.07 11.98
N LEU C 114 23.39 26.91 11.97
CA LEU C 114 24.18 25.67 11.94
C LEU C 114 24.72 25.37 10.55
N GLU C 115 25.91 24.76 10.52
CA GLU C 115 26.63 24.43 9.28
C GLU C 115 26.45 22.98 8.82
N ALA C 116 25.60 22.23 9.52
CA ALA C 116 25.35 20.84 9.18
C ALA C 116 24.01 20.45 9.77
N ILE C 117 23.21 19.74 8.98
CA ILE C 117 21.92 19.26 9.43
C ILE C 117 22.17 17.81 9.75
N ASN C 118 21.86 17.39 10.97
CA ASN C 118 22.11 16.00 11.36
C ASN C 118 20.91 15.18 11.78
N TYR C 119 19.76 15.82 11.88
CA TYR C 119 18.57 15.16 12.34
C TYR C 119 17.35 15.48 11.50
N LEU C 120 16.55 14.46 11.22
CA LEU C 120 15.32 14.58 10.43
C LEU C 120 14.24 13.66 11.02
N SER C 121 13.04 14.19 11.23
CA SER C 121 11.95 13.39 11.76
C SER C 121 10.67 13.79 11.02
N ALA C 122 9.75 12.85 10.89
CA ALA C 122 8.50 13.11 10.20
C ALA C 122 7.35 12.84 11.14
N GLY C 123 6.20 13.48 10.88
CA GLY C 123 5.07 13.26 11.75
C GLY C 123 3.74 13.61 11.11
N GLY C 124 2.66 13.41 11.85
CA GLY C 124 1.34 13.70 11.33
C GLY C 124 0.83 12.65 10.35
N ASP C 125 -0.11 13.08 9.52
CA ASP C 125 -0.75 12.23 8.53
C ASP C 125 0.11 12.19 7.28
N PHE C 126 1.28 11.55 7.40
CA PHE C 126 2.24 11.46 6.30
C PHE C 126 3.00 10.14 6.37
N LYS C 127 3.21 9.51 5.22
CA LYS C 127 3.94 8.25 5.16
C LYS C 127 5.14 8.43 4.23
N ILE C 128 6.34 8.35 4.81
CA ILE C 128 7.57 8.50 4.05
C ILE C 128 7.70 7.37 3.04
N LYS C 129 7.97 7.74 1.80
CA LYS C 129 8.13 6.77 0.73
C LYS C 129 9.58 6.76 0.27
N CYS C 130 10.30 7.87 0.47
CA CYS C 130 11.69 7.94 0.06
C CYS C 130 12.40 9.18 0.61
N VAL C 131 13.70 9.04 0.86
CA VAL C 131 14.55 10.12 1.35
C VAL C 131 15.83 10.01 0.53
N ALA C 132 16.17 11.09 -0.17
CA ALA C 132 17.35 11.12 -1.02
C ALA C 132 18.25 12.27 -0.62
N PHE C 133 19.56 12.05 -0.69
CA PHE C 133 20.53 13.07 -0.32
C PHE C 133 21.25 13.47 -1.59
N GLU C 134 20.75 14.52 -2.23
CA GLU C 134 21.32 15.03 -3.46
C GLU C 134 22.16 16.29 -3.22
N ALA D 1 30.11 0.39 13.29
CA ALA D 1 30.01 1.49 12.28
C ALA D 1 28.69 2.21 12.50
N CYS D 2 28.74 3.54 12.54
CA CYS D 2 27.55 4.34 12.79
C CYS D 2 27.50 5.61 11.98
N GLY D 3 26.80 5.53 10.84
CA GLY D 3 26.61 6.68 9.98
C GLY D 3 25.14 6.98 10.15
N LEU D 4 24.39 6.91 9.06
CA LEU D 4 22.96 7.14 9.13
C LEU D 4 22.31 6.17 10.11
N VAL D 5 21.39 6.67 10.93
CA VAL D 5 20.66 5.85 11.88
C VAL D 5 19.19 6.23 11.75
N ALA D 6 18.33 5.25 11.52
CA ALA D 6 16.91 5.50 11.34
C ALA D 6 16.08 4.63 12.29
N SER D 7 15.19 5.26 13.03
CA SER D 7 14.33 4.58 13.99
C SER D 7 12.88 4.82 13.65
N ASN D 8 12.00 4.03 14.28
CA ASN D 8 10.56 4.12 14.08
C ASN D 8 10.15 3.84 12.63
N LEU D 9 10.90 2.95 11.97
CA LEU D 9 10.63 2.55 10.58
C LEU D 9 9.32 1.83 10.40
N ASN D 10 8.97 1.00 11.37
CA ASN D 10 7.74 0.21 11.36
C ASN D 10 7.57 -0.59 10.08
N LEU D 11 8.68 -1.10 9.53
CA LEU D 11 8.64 -1.92 8.32
C LEU D 11 7.98 -3.26 8.64
N LYS D 12 6.92 -3.59 7.90
CA LYS D 12 6.19 -4.84 8.10
C LYS D 12 6.42 -5.86 6.96
N PRO D 13 6.08 -7.13 7.19
CA PRO D 13 6.26 -8.19 6.18
C PRO D 13 5.68 -7.79 4.83
N GLY D 14 6.40 -8.15 3.77
CA GLY D 14 5.94 -7.81 2.43
C GLY D 14 6.45 -6.48 1.92
N GLU D 15 6.72 -5.55 2.83
CA GLU D 15 7.23 -4.23 2.45
C GLU D 15 8.72 -4.38 2.22
N CYS D 16 9.27 -3.65 1.26
CA CYS D 16 10.69 -3.75 0.99
C CYS D 16 11.41 -2.45 1.29
N LEU D 17 12.67 -2.59 1.69
CA LEU D 17 13.53 -1.49 2.04
C LEU D 17 14.63 -1.37 0.97
N ARG D 18 14.50 -0.39 0.10
CA ARG D 18 15.48 -0.20 -0.95
C ARG D 18 16.49 0.85 -0.48
N VAL D 19 17.77 0.50 -0.52
CA VAL D 19 18.84 1.41 -0.10
C VAL D 19 19.81 1.50 -1.27
N ARG D 20 20.22 2.72 -1.60
CA ARG D 20 21.16 2.94 -2.69
C ARG D 20 22.26 3.88 -2.21
N GLY D 21 23.50 3.52 -2.47
CA GLY D 21 24.61 4.35 -2.05
C GLY D 21 25.84 4.22 -2.93
N GLU D 22 26.87 4.99 -2.62
CA GLU D 22 28.09 4.96 -3.39
C GLU D 22 29.21 4.38 -2.53
N VAL D 23 29.92 3.40 -3.06
CA VAL D 23 31.03 2.78 -2.31
C VAL D 23 32.28 3.64 -2.54
N ALA D 24 33.07 3.86 -1.49
CA ALA D 24 34.28 4.66 -1.62
C ALA D 24 35.36 3.89 -2.40
N ALA D 25 36.35 4.61 -2.93
CA ALA D 25 37.44 3.97 -3.68
C ALA D 25 38.43 3.25 -2.76
N ASP D 26 38.55 3.77 -1.55
CA ASP D 26 39.44 3.25 -0.52
C ASP D 26 38.80 2.03 0.18
N ALA D 27 37.56 1.76 -0.19
CA ALA D 27 36.72 0.67 0.35
C ALA D 27 37.38 -0.54 0.99
N LYS D 28 37.11 -0.72 2.28
CA LYS D 28 37.60 -1.86 3.05
C LYS D 28 36.36 -2.71 3.37
N SER D 29 35.26 -2.03 3.70
CA SER D 29 33.97 -2.67 3.98
C SER D 29 32.90 -1.66 4.37
N PHE D 30 31.65 -2.06 4.22
CA PHE D 30 30.52 -1.22 4.60
C PHE D 30 29.50 -2.18 5.22
N LEU D 31 28.43 -1.66 5.80
CA LEU D 31 27.43 -2.52 6.41
C LEU D 31 26.08 -1.87 6.56
N LEU D 32 25.07 -2.70 6.75
CA LEU D 32 23.70 -2.28 6.95
C LEU D 32 23.15 -3.18 8.06
N ASN D 33 22.55 -2.60 9.09
CA ASN D 33 21.98 -3.39 10.18
C ASN D 33 20.48 -3.09 10.27
N LEU D 34 19.67 -4.14 10.32
CA LEU D 34 18.21 -4.01 10.41
C LEU D 34 17.73 -4.82 11.60
N GLY D 35 16.79 -4.27 12.37
CA GLY D 35 16.29 -4.99 13.51
C GLY D 35 15.28 -4.25 14.38
N LYS D 36 15.26 -4.63 15.65
CA LYS D 36 14.39 -4.04 16.66
C LYS D 36 15.08 -2.82 17.24
N ASP D 37 16.40 -2.93 17.36
CA ASP D 37 17.27 -1.88 17.87
C ASP D 37 18.70 -2.33 17.64
N ASP D 38 19.65 -1.51 18.07
CA ASP D 38 21.09 -1.74 17.93
C ASP D 38 21.65 -3.06 18.45
N ASN D 39 20.93 -3.72 19.35
CA ASN D 39 21.40 -4.97 19.92
C ASN D 39 20.62 -6.20 19.48
N ASN D 40 19.52 -5.97 18.78
CA ASN D 40 18.70 -7.07 18.29
C ASN D 40 18.49 -6.84 16.81
N LEU D 41 19.45 -7.35 16.05
CA LEU D 41 19.47 -7.21 14.60
C LEU D 41 19.05 -8.50 13.92
N CYS D 42 18.07 -8.42 13.02
CA CYS D 42 17.63 -9.61 12.29
C CYS D 42 18.50 -9.82 11.06
N LEU D 43 19.31 -8.80 10.75
CA LEU D 43 20.20 -8.88 9.61
C LEU D 43 21.31 -7.86 9.75
N HIS D 44 22.54 -8.38 9.70
CA HIS D 44 23.77 -7.60 9.73
C HIS D 44 24.39 -7.96 8.38
N PHE D 45 24.25 -7.07 7.40
CA PHE D 45 24.75 -7.27 6.03
C PHE D 45 26.12 -6.61 5.94
N ASN D 46 27.17 -7.42 5.84
CA ASN D 46 28.52 -6.86 5.83
C ASN D 46 29.46 -7.24 4.70
N PRO D 47 29.42 -6.48 3.59
CA PRO D 47 30.30 -6.73 2.44
C PRO D 47 31.74 -6.33 2.80
N ARG D 48 32.63 -7.31 2.80
CA ARG D 48 34.03 -7.07 3.13
C ARG D 48 34.92 -7.09 1.90
N PHE D 49 35.60 -5.98 1.65
CA PHE D 49 36.52 -5.88 0.52
C PHE D 49 37.87 -6.42 1.01
N ASN D 50 38.28 -5.94 2.18
CA ASN D 50 39.54 -6.33 2.82
C ASN D 50 39.39 -5.98 4.30
N ALA D 51 38.79 -6.88 5.06
CA ALA D 51 38.60 -6.64 6.48
C ALA D 51 38.42 -7.94 7.23
N HIS D 52 38.96 -8.00 8.44
CA HIS D 52 38.85 -9.18 9.30
C HIS D 52 39.34 -10.44 8.62
N GLY D 53 40.34 -10.30 7.77
CA GLY D 53 40.86 -11.46 7.07
C GLY D 53 40.11 -11.82 5.80
N ASP D 54 38.87 -11.34 5.66
CA ASP D 54 38.06 -11.61 4.48
C ASP D 54 38.39 -10.67 3.31
N VAL D 55 38.37 -11.24 2.11
CA VAL D 55 38.64 -10.51 0.89
C VAL D 55 37.46 -10.77 -0.05
N ASN D 56 36.88 -9.69 -0.56
CA ASN D 56 35.73 -9.73 -1.47
C ASN D 56 34.66 -10.77 -1.14
N THR D 57 34.10 -10.67 0.05
CA THR D 57 33.08 -11.62 0.49
C THR D 57 32.01 -10.99 1.39
N ILE D 58 30.76 -11.37 1.12
CA ILE D 58 29.62 -10.87 1.87
C ILE D 58 29.43 -11.69 3.14
N VAL D 59 29.48 -11.03 4.29
CA VAL D 59 29.29 -11.70 5.58
C VAL D 59 28.01 -11.22 6.26
N CYS D 60 27.06 -12.13 6.44
CA CYS D 60 25.79 -11.83 7.09
C CYS D 60 25.72 -12.52 8.44
N ASN D 61 24.95 -11.94 9.36
CA ASN D 61 24.79 -12.50 10.69
C ASN D 61 23.66 -11.76 11.41
N SER D 62 23.25 -12.28 12.54
CA SER D 62 22.20 -11.67 13.32
C SER D 62 22.82 -11.32 14.66
N LYS D 63 22.11 -10.55 15.47
CA LYS D 63 22.60 -10.18 16.78
C LYS D 63 21.39 -10.25 17.69
N ASP D 64 21.48 -11.12 18.69
CA ASP D 64 20.40 -11.32 19.65
C ASP D 64 20.91 -10.85 21.01
N ALA D 65 20.42 -9.71 21.46
CA ALA D 65 20.81 -9.15 22.74
C ALA D 65 22.32 -9.02 22.84
N GLY D 66 22.92 -8.39 21.83
CA GLY D 66 24.35 -8.20 21.81
C GLY D 66 25.16 -9.44 21.49
N ALA D 67 24.48 -10.53 21.14
CA ALA D 67 25.16 -11.78 20.82
C ALA D 67 25.07 -12.11 19.34
N TRP D 68 26.23 -12.24 18.70
CA TRP D 68 26.28 -12.57 17.29
C TRP D 68 25.91 -14.03 17.08
N GLY D 69 25.12 -14.32 16.07
CA GLY D 69 24.74 -15.69 15.79
C GLY D 69 25.78 -16.34 14.90
N ALA D 70 25.37 -17.39 14.18
CA ALA D 70 26.26 -18.11 13.26
C ALA D 70 26.36 -17.35 11.94
N GLU D 71 27.59 -17.06 11.51
CA GLU D 71 27.77 -16.31 10.28
C GLU D 71 27.34 -17.09 9.04
N GLN D 72 26.92 -16.35 8.01
CA GLN D 72 26.53 -16.94 6.73
C GLN D 72 27.35 -16.13 5.76
N ARG D 73 28.00 -16.79 4.81
CA ARG D 73 28.82 -16.07 3.84
C ARG D 73 28.33 -16.26 2.43
N GLU D 74 28.54 -15.24 1.62
CA GLU D 74 28.13 -15.26 0.21
C GLU D 74 29.37 -14.83 -0.59
N SER D 75 29.74 -15.62 -1.58
CA SER D 75 30.91 -15.27 -2.37
C SER D 75 30.61 -14.32 -3.52
N ALA D 76 29.33 -14.20 -3.90
CA ALA D 76 28.94 -13.28 -4.95
C ALA D 76 29.25 -11.89 -4.38
N PHE D 77 30.03 -11.11 -5.12
CA PHE D 77 30.42 -9.79 -4.64
C PHE D 77 30.37 -8.75 -5.75
N PRO D 78 29.15 -8.39 -6.20
CA PRO D 78 29.03 -7.39 -7.26
C PRO D 78 29.20 -5.95 -6.77
N PHE D 79 30.28 -5.71 -6.02
CA PHE D 79 30.57 -4.39 -5.47
C PHE D 79 31.94 -3.95 -5.94
N GLN D 80 31.99 -2.80 -6.59
CA GLN D 80 33.26 -2.26 -7.06
C GLN D 80 33.44 -0.88 -6.47
N PRO D 81 34.60 -0.60 -5.86
CA PRO D 81 34.91 0.69 -5.24
C PRO D 81 34.57 1.87 -6.15
N GLY D 82 34.00 2.92 -5.57
CA GLY D 82 33.63 4.10 -6.34
C GLY D 82 32.27 4.00 -6.99
N SER D 83 31.87 2.78 -7.35
CA SER D 83 30.59 2.54 -8.00
C SER D 83 29.38 2.80 -7.11
N VAL D 84 28.21 2.86 -7.75
CA VAL D 84 26.96 3.09 -7.07
C VAL D 84 26.21 1.77 -7.13
N VAL D 85 25.78 1.29 -5.97
CA VAL D 85 25.08 0.03 -5.91
C VAL D 85 23.75 0.18 -5.22
N GLU D 86 22.80 -0.66 -5.59
CA GLU D 86 21.48 -0.65 -5.00
C GLU D 86 21.24 -2.04 -4.44
N VAL D 87 20.58 -2.10 -3.30
CA VAL D 87 20.27 -3.36 -2.66
C VAL D 87 18.90 -3.21 -1.99
N CYS D 88 18.03 -4.19 -2.23
CA CYS D 88 16.69 -4.16 -1.69
C CYS D 88 16.49 -5.34 -0.72
N ILE D 89 16.02 -5.04 0.49
CA ILE D 89 15.79 -6.07 1.50
C ILE D 89 14.30 -6.17 1.84
N SER D 90 13.82 -7.39 2.03
CA SER D 90 12.42 -7.62 2.36
C SER D 90 12.27 -8.82 3.29
N PHE D 91 11.35 -8.74 4.24
CA PHE D 91 11.19 -9.85 5.18
C PHE D 91 9.77 -10.32 5.45
N ASN D 92 9.70 -11.42 6.19
CA ASN D 92 8.49 -12.07 6.65
C ASN D 92 8.99 -12.96 7.78
N GLN D 93 8.10 -13.42 8.65
CA GLN D 93 8.49 -14.24 9.80
C GLN D 93 9.52 -15.35 9.59
N THR D 94 9.50 -15.97 8.41
CA THR D 94 10.43 -17.04 8.11
C THR D 94 11.83 -16.51 7.79
N ASP D 95 11.95 -15.65 6.79
CA ASP D 95 13.25 -15.10 6.45
C ASP D 95 13.27 -13.81 5.65
N LEU D 96 14.47 -13.27 5.49
CA LEU D 96 14.72 -12.03 4.76
C LEU D 96 15.35 -12.34 3.42
N THR D 97 14.89 -11.67 2.37
CA THR D 97 15.41 -11.85 1.03
C THR D 97 16.17 -10.58 0.67
N ILE D 98 17.45 -10.72 0.38
CA ILE D 98 18.32 -9.61 0.01
C ILE D 98 18.51 -9.66 -1.50
N LYS D 99 17.79 -8.81 -2.22
CA LYS D 99 17.86 -8.75 -3.67
C LYS D 99 19.01 -7.86 -4.10
N LEU D 100 19.90 -8.40 -4.91
CA LEU D 100 21.05 -7.66 -5.42
C LEU D 100 20.88 -7.29 -6.90
N PRO D 101 21.78 -6.47 -7.45
CA PRO D 101 21.80 -5.99 -8.84
C PRO D 101 21.23 -6.75 -10.06
N ASP D 102 21.74 -7.93 -10.40
CA ASP D 102 21.21 -8.56 -11.62
C ASP D 102 20.44 -9.87 -11.48
N GLY D 103 19.28 -9.81 -10.85
CA GLY D 103 18.46 -10.99 -10.68
C GLY D 103 19.01 -11.89 -9.58
N TYR D 104 20.15 -11.52 -9.00
CA TYR D 104 20.76 -12.31 -7.94
C TYR D 104 20.25 -11.86 -6.58
N GLU D 105 19.85 -12.84 -5.76
CA GLU D 105 19.35 -12.56 -4.43
C GLU D 105 19.54 -13.82 -3.62
N PHE D 106 19.68 -13.67 -2.32
CA PHE D 106 19.84 -14.81 -1.44
C PHE D 106 18.99 -14.53 -0.22
N LYS D 107 18.79 -15.57 0.59
CA LYS D 107 17.97 -15.44 1.78
C LYS D 107 18.76 -15.70 3.06
N PHE D 108 18.34 -15.01 4.12
CA PHE D 108 18.95 -15.12 5.43
C PHE D 108 17.78 -15.37 6.36
N PRO D 109 17.90 -16.33 7.27
CA PRO D 109 16.79 -16.63 8.20
C PRO D 109 16.46 -15.49 9.17
N ASN D 110 15.18 -15.37 9.50
CA ASN D 110 14.74 -14.35 10.46
C ASN D 110 14.88 -15.05 11.81
N ARG D 111 16.12 -15.15 12.25
CA ARG D 111 16.44 -15.82 13.50
C ARG D 111 15.73 -15.28 14.74
N LEU D 112 15.44 -13.98 14.75
CA LEU D 112 14.78 -13.39 15.90
C LEU D 112 13.25 -13.43 15.85
N ASN D 113 12.71 -13.85 14.70
CA ASN D 113 11.27 -13.94 14.47
C ASN D 113 10.58 -12.59 14.65
N LEU D 114 11.24 -11.54 14.18
CA LEU D 114 10.67 -10.20 14.28
C LEU D 114 9.40 -10.09 13.45
N GLU D 115 8.45 -9.30 13.95
CA GLU D 115 7.18 -9.08 13.26
C GLU D 115 7.25 -7.73 12.56
N ALA D 116 8.17 -6.89 13.02
CA ALA D 116 8.37 -5.58 12.46
C ALA D 116 9.82 -5.13 12.67
N ILE D 117 10.30 -4.28 11.77
CA ILE D 117 11.66 -3.75 11.82
C ILE D 117 11.59 -2.24 12.06
N ASN D 118 12.05 -1.80 13.24
CA ASN D 118 12.02 -0.38 13.62
C ASN D 118 13.35 0.34 13.61
N TYR D 119 14.43 -0.37 13.29
CA TYR D 119 15.74 0.23 13.32
C TYR D 119 16.63 -0.17 12.14
N LEU D 120 17.32 0.82 11.59
CA LEU D 120 18.25 0.63 10.48
C LEU D 120 19.44 1.54 10.71
N SER D 121 20.62 1.08 10.29
CA SER D 121 21.81 1.91 10.41
C SER D 121 22.81 1.47 9.37
N ALA D 122 23.57 2.44 8.89
CA ALA D 122 24.60 2.21 7.88
C ALA D 122 25.95 2.54 8.49
N GLY D 123 27.01 2.09 7.83
CA GLY D 123 28.35 2.35 8.34
C GLY D 123 29.38 1.85 7.35
N GLY D 124 30.66 2.11 7.65
CA GLY D 124 31.71 1.68 6.75
C GLY D 124 31.89 2.67 5.62
N ASP D 125 32.68 2.29 4.61
CA ASP D 125 32.98 3.13 3.45
C ASP D 125 31.87 3.11 2.39
N PHE D 126 30.73 3.68 2.74
CA PHE D 126 29.56 3.68 1.85
C PHE D 126 28.70 4.90 2.17
N LYS D 127 28.49 5.77 1.20
CA LYS D 127 27.65 6.94 1.42
C LYS D 127 26.24 6.70 0.86
N ILE D 128 25.25 6.89 1.72
CA ILE D 128 23.86 6.67 1.35
C ILE D 128 23.38 7.78 0.42
N LYS D 129 22.70 7.39 -0.64
CA LYS D 129 22.15 8.33 -1.61
C LYS D 129 20.62 8.26 -1.53
N CYS D 130 20.11 7.11 -1.11
CA CYS D 130 18.67 6.95 -1.01
C CYS D 130 18.23 5.80 -0.13
N VAL D 131 17.03 5.95 0.41
CA VAL D 131 16.37 4.95 1.24
C VAL D 131 14.92 5.11 0.82
N ALA D 132 14.32 4.01 0.38
CA ALA D 132 12.94 4.03 -0.07
C ALA D 132 12.21 2.88 0.58
N PHE D 133 10.92 3.08 0.84
CA PHE D 133 10.10 2.07 1.48
C PHE D 133 9.02 1.61 0.50
N GLU D 134 9.29 0.49 -0.17
CA GLU D 134 8.37 -0.06 -1.17
C GLU D 134 7.65 -1.32 -0.69
#